data_4Y7S
#
_entry.id   4Y7S
#
_cell.length_a   61.341
_cell.length_b   61.208
_cell.length_c   97.300
_cell.angle_alpha   90.000
_cell.angle_beta   90.000
_cell.angle_gamma   90.000
#
_symmetry.space_group_name_H-M   'P 21 21 21'
#
loop_
_entity.id
_entity.type
_entity.pdbx_description
1 polymer 'Surface antigen protein 2'
2 non-polymer 'HEME B/C'
3 non-polymer 'CHLORIDE ION'
4 non-polymer 1,2-ETHANEDIOL
5 water water
#
_entity_poly.entity_id   1
_entity_poly.type   'polypeptide(L)'
_entity_poly.pdbx_seq_one_letter_code
;NPYTIYPPVPKTASINGFADRIYDQIPKCAQECVKQSTSSTPCPYWDTGCLCVIPNFTGAVGNCVASKCRGADVTNFRKL
AVGACAAAGVWDPYWIIPASVSSALDAAATA
;
_entity_poly.pdbx_strand_id   A,B,C
#
loop_
_chem_comp.id
_chem_comp.type
_chem_comp.name
_chem_comp.formula
CL non-polymer 'CHLORIDE ION' 'Cl -1'
EDO non-polymer 1,2-ETHANEDIOL 'C2 H6 O2'
HEB non-polymer 'HEME B/C' 'C34 H34 Fe N4 O4'
#
# COMPACT_ATOMS: atom_id res chain seq x y z
N ASN A 1 -5.09 -13.33 -20.57
CA ASN A 1 -5.04 -12.65 -19.27
C ASN A 1 -3.97 -13.26 -18.38
N PRO A 2 -3.33 -12.44 -17.54
CA PRO A 2 -2.16 -12.91 -16.79
C PRO A 2 -2.49 -13.88 -15.67
N TYR A 3 -3.77 -14.08 -15.36
CA TYR A 3 -4.12 -14.78 -14.12
C TYR A 3 -4.29 -16.29 -14.29
N THR A 4 -4.10 -16.80 -15.51
CA THR A 4 -4.25 -18.23 -15.78
C THR A 4 -3.01 -19.03 -15.40
N ILE A 5 -1.93 -18.35 -15.01
CA ILE A 5 -0.77 -19.06 -14.47
C ILE A 5 -1.05 -19.45 -13.01
N TYR A 6 -2.19 -19.02 -12.48
CA TYR A 6 -2.54 -19.34 -11.10
C TYR A 6 -3.63 -20.40 -11.09
N PRO A 7 -3.75 -21.13 -9.98
CA PRO A 7 -4.88 -22.06 -9.84
C PRO A 7 -6.21 -21.35 -9.86
N PRO A 8 -7.23 -21.97 -10.47
CA PRO A 8 -8.54 -21.32 -10.47
C PRO A 8 -9.11 -21.15 -9.06
N VAL A 9 -9.96 -20.14 -8.93
CA VAL A 9 -10.64 -19.81 -7.68
C VAL A 9 -12.15 -19.65 -7.95
N PRO A 10 -13.03 -19.97 -6.98
CA PRO A 10 -14.46 -19.71 -7.17
C PRO A 10 -14.69 -18.22 -7.37
N LYS A 11 -15.52 -17.81 -8.32
CA LYS A 11 -15.72 -16.38 -8.56
C LYS A 11 -16.90 -15.80 -7.77
N THR A 12 -17.14 -16.37 -6.59
CA THR A 12 -18.14 -15.90 -5.65
C THR A 12 -17.64 -16.19 -4.24
N ALA A 13 -18.20 -15.54 -3.24
CA ALA A 13 -17.79 -15.82 -1.86
C ALA A 13 -18.89 -15.50 -0.84
N SER A 14 -18.83 -16.15 0.32
CA SER A 14 -19.77 -15.88 1.41
C SER A 14 -19.37 -14.60 2.16
N ILE A 15 -18.09 -14.52 2.50
CA ILE A 15 -17.53 -13.34 3.14
C ILE A 15 -16.62 -12.64 2.13
N ASN A 16 -15.46 -13.24 1.87
CA ASN A 16 -14.59 -12.81 0.79
C ASN A 16 -13.63 -13.95 0.44
N GLY A 17 -12.85 -13.77 -0.64
CA GLY A 17 -12.00 -14.83 -1.14
C GLY A 17 -10.91 -15.28 -0.19
N PHE A 18 -10.49 -14.40 0.72
CA PHE A 18 -9.49 -14.75 1.73
C PHE A 18 -10.15 -15.46 2.90
N ALA A 19 -11.16 -14.81 3.48
CA ALA A 19 -11.89 -15.34 4.61
C ALA A 19 -12.49 -16.73 4.36
N ASP A 20 -13.08 -16.94 3.19
CA ASP A 20 -13.79 -18.18 2.91
C ASP A 20 -12.82 -19.37 3.01
N ARG A 21 -11.55 -19.14 2.74
CA ARG A 21 -10.60 -20.25 2.75
C ARG A 21 -10.27 -20.76 4.15
N ILE A 22 -10.39 -19.88 5.14
CA ILE A 22 -9.86 -20.21 6.47
C ILE A 22 -10.83 -19.96 7.64
N TYR A 23 -12.03 -19.48 7.34
CA TYR A 23 -12.93 -18.98 8.37
C TYR A 23 -13.22 -20.03 9.41
N ASP A 24 -13.44 -21.26 8.99
CA ASP A 24 -13.77 -22.33 9.89
C ASP A 24 -12.58 -22.90 10.65
N GLN A 25 -11.37 -22.59 10.25
CA GLN A 25 -10.20 -23.13 10.88
C GLN A 25 -9.47 -22.18 11.79
N ILE A 26 -9.64 -20.88 11.59
CA ILE A 26 -8.89 -19.90 12.38
C ILE A 26 -9.37 -19.85 13.82
N PRO A 27 -8.51 -19.41 14.74
CA PRO A 27 -8.99 -19.24 16.11
C PRO A 27 -10.14 -18.26 16.11
N LYS A 28 -11.05 -18.44 17.06
CA LYS A 28 -12.27 -17.64 17.10
C LYS A 28 -11.97 -16.16 17.23
N CYS A 29 -10.85 -15.83 17.87
CA CYS A 29 -10.50 -14.44 18.09
C CYS A 29 -10.26 -13.72 16.77
N ALA A 30 -9.93 -14.46 15.70
CA ALA A 30 -9.60 -13.84 14.43
C ALA A 30 -10.77 -13.76 13.47
N GLN A 31 -11.89 -14.39 13.80
CA GLN A 31 -13.02 -14.44 12.88
C GLN A 31 -13.51 -13.04 12.47
N GLU A 32 -13.67 -12.13 13.42
CA GLU A 32 -14.15 -10.80 13.05
C GLU A 32 -13.14 -10.07 12.19
N CYS A 33 -11.86 -10.40 12.36
CA CYS A 33 -10.78 -9.71 11.68
C CYS A 33 -10.81 -9.94 10.16
N VAL A 34 -11.23 -11.12 9.72
CA VAL A 34 -11.18 -11.45 8.29
C VAL A 34 -12.42 -10.97 7.52
N LYS A 35 -13.39 -10.40 8.24
CA LYS A 35 -14.60 -9.84 7.65
C LYS A 35 -14.39 -8.40 7.19
N GLN A 36 -13.12 -7.98 7.17
CA GLN A 36 -12.71 -6.67 6.68
C GLN A 36 -13.30 -6.39 5.29
N SER A 37 -13.82 -5.19 5.08
CA SER A 37 -14.36 -4.81 3.78
C SER A 37 -13.30 -4.85 2.68
N THR A 38 -13.67 -5.32 1.50
CA THR A 38 -12.76 -5.35 0.36
C THR A 38 -12.92 -4.16 -0.58
N SER A 39 -13.79 -3.22 -0.19
CA SER A 39 -14.18 -2.12 -1.06
C SER A 39 -13.07 -1.09 -1.31
N SER A 40 -12.07 -1.03 -0.44
CA SER A 40 -10.94 -0.11 -0.63
C SER A 40 -9.79 -0.78 -1.37
N THR A 41 -10.07 -1.96 -1.95
CA THR A 41 -9.05 -2.67 -2.73
C THR A 41 -9.44 -2.68 -4.21
N PRO A 42 -8.45 -2.94 -5.07
CA PRO A 42 -8.73 -3.17 -6.49
C PRO A 42 -9.14 -4.64 -6.78
N CYS A 43 -9.42 -5.40 -5.73
CA CYS A 43 -9.66 -6.85 -5.87
C CYS A 43 -11.11 -7.19 -6.13
N PRO A 44 -11.37 -8.10 -7.09
CA PRO A 44 -12.68 -8.72 -6.98
C PRO A 44 -12.84 -9.33 -5.60
N TYR A 45 -14.01 -9.23 -5.00
CA TYR A 45 -14.15 -9.61 -3.58
C TYR A 45 -13.89 -11.10 -3.34
N TRP A 46 -13.99 -11.90 -4.40
CA TRP A 46 -13.80 -13.35 -4.33
C TRP A 46 -12.34 -13.76 -4.58
N ASP A 47 -11.49 -12.78 -4.88
CA ASP A 47 -10.15 -13.05 -5.35
C ASP A 47 -9.13 -13.22 -4.22
N THR A 48 -8.91 -14.47 -3.82
CA THR A 48 -8.03 -14.82 -2.73
C THR A 48 -6.63 -14.22 -2.91
N GLY A 49 -6.01 -14.51 -4.04
CA GLY A 49 -4.67 -14.03 -4.31
C GLY A 49 -4.54 -12.53 -4.20
N CYS A 50 -5.48 -11.79 -4.79
CA CYS A 50 -5.44 -10.34 -4.69
C CYS A 50 -5.55 -9.88 -3.21
N LEU A 51 -6.45 -10.49 -2.45
CA LEU A 51 -6.65 -10.08 -1.07
C LEU A 51 -5.50 -10.52 -0.14
N CYS A 52 -4.63 -11.38 -0.66
CA CYS A 52 -3.40 -11.77 0.03
C CYS A 52 -2.26 -10.76 -0.16
N VAL A 53 -2.36 -9.88 -1.15
CA VAL A 53 -1.24 -9.02 -1.48
C VAL A 53 -1.52 -7.53 -1.37
N ILE A 54 -2.76 -7.10 -1.10
CA ILE A 54 -3.03 -5.67 -0.98
C ILE A 54 -2.84 -5.27 0.48
N PRO A 55 -1.77 -4.53 0.80
CA PRO A 55 -1.45 -4.30 2.22
C PRO A 55 -2.46 -3.48 2.98
N ASN A 56 -3.24 -2.61 2.33
CA ASN A 56 -4.27 -1.89 3.05
C ASN A 56 -5.30 -2.88 3.59
N PHE A 57 -5.50 -3.98 2.87
CA PHE A 57 -6.41 -5.04 3.34
C PHE A 57 -5.72 -5.98 4.35
N THR A 58 -4.57 -6.56 3.97
CA THR A 58 -3.92 -7.52 4.86
C THR A 58 -3.48 -6.86 6.16
N GLY A 59 -3.10 -5.59 6.08
CA GLY A 59 -2.62 -4.86 7.26
C GLY A 59 -3.76 -4.63 8.23
N ALA A 60 -4.94 -4.36 7.70
CA ALA A 60 -6.11 -4.16 8.55
C ALA A 60 -6.44 -5.47 9.24
N VAL A 61 -6.43 -6.57 8.49
CA VAL A 61 -6.71 -7.88 9.03
C VAL A 61 -5.65 -8.20 10.09
N GLY A 62 -4.41 -7.93 9.75
CA GLY A 62 -3.30 -8.21 10.65
C GLY A 62 -3.34 -7.39 11.94
N ASN A 63 -3.65 -6.10 11.81
CA ASN A 63 -3.79 -5.24 12.97
C ASN A 63 -4.85 -5.75 13.91
N CYS A 64 -5.96 -6.20 13.35
CA CYS A 64 -7.07 -6.73 14.14
C CYS A 64 -6.67 -8.02 14.87
N VAL A 65 -6.01 -8.94 14.16
CA VAL A 65 -5.58 -10.18 14.79
C VAL A 65 -4.59 -9.88 15.92
N ALA A 66 -3.66 -8.95 15.70
CA ALA A 66 -2.71 -8.58 16.72
C ALA A 66 -3.37 -7.97 17.96
N SER A 67 -4.54 -7.37 17.78
CA SER A 67 -5.25 -6.72 18.87
C SER A 67 -6.12 -7.73 19.63
N LYS A 68 -6.70 -8.65 18.88
CA LYS A 68 -7.72 -9.55 19.40
C LYS A 68 -7.19 -10.93 19.80
N CYS A 69 -6.01 -11.31 19.29
CA CYS A 69 -5.45 -12.66 19.51
C CYS A 69 -4.10 -12.63 20.24
N ARG A 70 -3.82 -13.67 21.05
CA ARG A 70 -2.54 -13.81 21.76
C ARG A 70 -1.96 -15.19 21.57
N GLY A 71 -0.65 -15.30 21.73
CA GLY A 71 0.02 -16.59 21.80
C GLY A 71 -0.18 -17.44 20.55
N ALA A 72 -0.43 -18.72 20.76
CA ALA A 72 -0.57 -19.67 19.66
C ALA A 72 -1.68 -19.31 18.69
N ASP A 73 -2.69 -18.57 19.16
CA ASP A 73 -3.78 -18.14 18.29
C ASP A 73 -3.23 -17.25 17.17
N VAL A 74 -2.27 -16.39 17.50
CA VAL A 74 -1.65 -15.54 16.46
C VAL A 74 -0.87 -16.41 15.46
N THR A 75 -0.04 -17.29 16.01
CA THR A 75 0.79 -18.18 15.22
C THR A 75 -0.05 -19.07 14.26
N ASN A 76 -1.12 -19.65 14.80
CA ASN A 76 -2.01 -20.48 14.00
C ASN A 76 -2.76 -19.69 12.93
N PHE A 77 -3.20 -18.49 13.29
CA PHE A 77 -3.83 -17.64 12.29
C PHE A 77 -2.84 -17.37 11.14
N ARG A 78 -1.60 -17.03 11.46
CA ARG A 78 -0.65 -16.69 10.41
C ARG A 78 -0.34 -17.92 9.51
N LYS A 79 -0.25 -19.10 10.12
CA LYS A 79 -0.02 -20.33 9.36
C LYS A 79 -1.14 -20.57 8.37
N LEU A 80 -2.37 -20.34 8.81
CA LEU A 80 -3.52 -20.53 7.91
C LEU A 80 -3.57 -19.47 6.80
N ALA A 81 -3.28 -18.22 7.14
CA ALA A 81 -3.25 -17.16 6.14
C ALA A 81 -2.20 -17.45 5.08
N VAL A 82 -1.01 -17.80 5.54
CA VAL A 82 0.08 -18.14 4.64
C VAL A 82 -0.30 -19.33 3.74
N GLY A 83 -0.91 -20.34 4.35
CA GLY A 83 -1.29 -21.53 3.60
C GLY A 83 -2.30 -21.24 2.50
N ALA A 84 -3.32 -20.46 2.83
CA ALA A 84 -4.35 -20.15 1.85
C ALA A 84 -3.77 -19.31 0.71
N CYS A 85 -2.94 -18.35 1.05
CA CYS A 85 -2.37 -17.46 0.06
C CYS A 85 -1.37 -18.23 -0.82
N ALA A 86 -0.58 -19.12 -0.21
CA ALA A 86 0.34 -19.95 -0.96
C ALA A 86 -0.42 -20.85 -1.95
N ALA A 87 -1.51 -21.45 -1.50
CA ALA A 87 -2.26 -22.34 -2.39
C ALA A 87 -2.91 -21.55 -3.53
N ALA A 88 -3.16 -20.26 -3.30
CA ALA A 88 -3.76 -19.43 -4.34
C ALA A 88 -2.74 -19.04 -5.41
N GLY A 89 -1.46 -19.28 -5.14
CA GLY A 89 -0.39 -19.05 -6.10
C GLY A 89 0.45 -17.81 -5.81
N VAL A 90 0.25 -17.19 -4.66
CA VAL A 90 1.00 -16.00 -4.31
C VAL A 90 2.45 -16.38 -4.01
N TRP A 91 3.35 -15.46 -4.32
CA TRP A 91 4.78 -15.61 -4.03
C TRP A 91 5.11 -15.42 -2.56
N ASP A 92 6.23 -16.00 -2.14
CA ASP A 92 6.83 -15.80 -0.82
C ASP A 92 6.91 -14.29 -0.53
N PRO A 93 6.46 -13.82 0.64
CA PRO A 93 5.99 -14.48 1.87
C PRO A 93 4.50 -14.82 1.93
N TYR A 94 3.85 -14.82 0.77
CA TYR A 94 2.52 -15.42 0.61
C TYR A 94 1.39 -14.54 1.15
N TRP A 95 1.37 -14.30 2.46
CA TRP A 95 0.43 -13.34 3.03
C TRP A 95 1.21 -12.04 3.21
N ILE A 96 0.97 -11.07 2.33
CA ILE A 96 1.85 -9.92 2.21
C ILE A 96 1.38 -8.79 3.10
N ILE A 97 2.05 -8.60 4.24
CA ILE A 97 1.65 -7.58 5.19
C ILE A 97 2.75 -6.55 5.40
N PRO A 98 2.36 -5.35 5.85
CA PRO A 98 3.36 -4.35 6.20
C PRO A 98 4.36 -4.84 7.29
N ALA A 99 5.59 -4.36 7.26
CA ALA A 99 6.58 -4.79 8.26
C ALA A 99 6.14 -4.42 9.67
N SER A 100 5.52 -3.25 9.84
CA SER A 100 5.03 -2.81 11.15
C SER A 100 3.94 -3.77 11.70
N VAL A 101 3.10 -4.25 10.81
CA VAL A 101 2.05 -5.21 11.21
C VAL A 101 2.65 -6.57 11.57
N SER A 102 3.62 -7.03 10.80
CA SER A 102 4.32 -8.26 11.15
C SER A 102 4.94 -8.17 12.55
N SER A 103 5.58 -7.04 12.86
CA SER A 103 6.20 -6.84 14.16
C SER A 103 5.16 -6.89 15.27
N ALA A 104 4.01 -6.27 15.03
CA ALA A 104 2.90 -6.30 15.98
C ALA A 104 2.39 -7.73 16.19
N LEU A 105 2.33 -8.52 15.12
CA LEU A 105 1.89 -9.90 15.25
C LEU A 105 2.90 -10.72 16.02
N ASP A 106 4.18 -10.51 15.72
CA ASP A 106 5.27 -11.17 16.45
C ASP A 106 5.09 -10.94 17.95
N ALA A 107 4.83 -9.68 18.31
CA ALA A 107 4.68 -9.32 19.72
C ALA A 107 3.46 -10.01 20.34
N ALA A 108 2.34 -10.01 19.63
CA ALA A 108 1.13 -10.64 20.13
C ALA A 108 1.32 -12.14 20.36
N ALA A 109 2.14 -12.76 19.50
CA ALA A 109 2.38 -14.20 19.59
C ALA A 109 3.26 -14.57 20.77
N THR A 110 4.10 -13.65 21.22
CA THR A 110 5.02 -13.87 22.36
C THR A 110 4.53 -13.32 23.68
N ALA A 111 3.39 -12.64 23.68
CA ALA A 111 2.84 -12.05 24.91
C ALA A 111 2.81 -13.05 26.09
N ASN B 1 12.93 4.29 10.66
CA ASN B 1 12.73 4.40 9.22
C ASN B 1 11.27 4.67 8.89
N PRO B 2 11.00 5.63 7.98
CA PRO B 2 9.57 5.93 7.78
C PRO B 2 8.77 4.89 6.97
N TYR B 3 9.45 4.00 6.26
CA TYR B 3 8.80 3.11 5.30
C TYR B 3 8.45 1.71 5.84
N THR B 4 8.55 1.50 7.16
CA THR B 4 8.28 0.17 7.72
C THR B 4 6.77 -0.11 7.77
N ILE B 5 5.95 0.89 7.43
CA ILE B 5 4.51 0.70 7.32
C ILE B 5 4.12 0.06 5.98
N TYR B 6 5.11 -0.20 5.14
CA TYR B 6 4.91 -0.88 3.86
C TYR B 6 5.43 -2.30 3.98
N PRO B 7 4.97 -3.20 3.08
CA PRO B 7 5.56 -4.54 2.99
C PRO B 7 7.04 -4.43 2.68
N PRO B 8 7.89 -5.25 3.31
CA PRO B 8 9.32 -5.18 3.06
C PRO B 8 9.71 -5.59 1.65
N VAL B 9 10.82 -5.03 1.17
CA VAL B 9 11.37 -5.39 -0.12
C VAL B 9 12.85 -5.73 0.04
N PRO B 10 13.38 -6.56 -0.83
CA PRO B 10 14.80 -6.86 -0.83
C PRO B 10 15.60 -5.60 -1.05
N LYS B 11 16.67 -5.44 -0.33
CA LYS B 11 17.50 -4.30 -0.43
C LYS B 11 18.63 -4.42 -1.44
N THR B 12 18.49 -5.38 -2.31
CA THR B 12 19.29 -5.50 -3.50
C THR B 12 18.37 -5.86 -4.64
N ALA B 13 18.84 -5.75 -5.86
CA ALA B 13 18.08 -6.14 -7.03
C ALA B 13 19.04 -6.54 -8.15
N SER B 14 18.58 -7.41 -9.05
CA SER B 14 19.37 -7.80 -10.21
C SER B 14 19.30 -6.70 -11.27
N ILE B 15 18.09 -6.21 -11.50
CA ILE B 15 17.85 -5.10 -12.41
C ILE B 15 17.47 -3.86 -11.61
N ASN B 16 16.25 -3.85 -11.09
CA ASN B 16 15.82 -2.83 -10.13
C ASN B 16 14.59 -3.35 -9.41
N GLY B 17 14.13 -2.61 -8.41
CA GLY B 17 13.05 -3.08 -7.56
C GLY B 17 11.73 -3.28 -8.28
N PHE B 18 11.53 -2.58 -9.39
CA PHE B 18 10.32 -2.73 -10.18
C PHE B 18 10.46 -3.96 -11.10
N ALA B 19 11.52 -3.96 -11.89
CA ALA B 19 11.81 -5.03 -12.84
C ALA B 19 11.81 -6.40 -12.19
N ASP B 20 12.48 -6.47 -11.05
CA ASP B 20 12.70 -7.74 -10.38
C ASP B 20 11.38 -8.42 -9.98
N ARG B 21 10.32 -7.65 -9.73
CA ARG B 21 9.07 -8.28 -9.29
C ARG B 21 8.35 -8.98 -10.42
N ILE B 22 8.61 -8.57 -11.65
CA ILE B 22 7.81 -9.04 -12.77
C ILE B 22 8.61 -9.55 -13.97
N TYR B 23 9.94 -9.51 -13.88
CA TYR B 23 10.78 -9.78 -15.07
C TYR B 23 10.49 -11.15 -15.69
N ASP B 24 10.25 -12.15 -14.85
CA ASP B 24 10.05 -13.52 -15.34
C ASP B 24 8.62 -13.79 -15.79
N GLN B 25 7.71 -12.85 -15.53
CA GLN B 25 6.31 -13.03 -15.88
C GLN B 25 5.88 -12.16 -17.05
N ILE B 26 6.61 -11.06 -17.28
CA ILE B 26 6.24 -10.11 -18.34
C ILE B 26 6.55 -10.69 -19.71
N PRO B 27 5.86 -10.22 -20.75
CA PRO B 27 6.20 -10.66 -22.12
C PRO B 27 7.63 -10.28 -22.49
N LYS B 28 8.24 -11.08 -23.35
CA LYS B 28 9.64 -10.91 -23.69
C LYS B 28 9.91 -9.52 -24.24
N CYS B 29 8.93 -8.98 -24.94
CA CYS B 29 9.07 -7.69 -25.60
C CYS B 29 9.32 -6.55 -24.63
N ALA B 30 8.95 -6.77 -23.36
CA ALA B 30 9.10 -5.76 -22.32
C ALA B 30 10.33 -5.98 -21.45
N GLN B 31 11.03 -7.07 -21.63
CA GLN B 31 12.16 -7.38 -20.78
C GLN B 31 13.18 -6.25 -20.73
N GLU B 32 13.56 -5.70 -21.86
CA GLU B 32 14.54 -4.65 -21.88
C GLU B 32 13.94 -3.35 -21.37
N CYS B 33 12.66 -3.15 -21.58
CA CYS B 33 12.02 -1.93 -21.17
C CYS B 33 12.14 -1.67 -19.65
N VAL B 34 12.04 -2.70 -18.85
CA VAL B 34 12.04 -2.52 -17.42
C VAL B 34 13.46 -2.33 -16.88
N LYS B 35 14.45 -2.41 -17.76
CA LYS B 35 15.83 -2.19 -17.36
C LYS B 35 16.19 -0.71 -17.39
N GLN B 36 15.18 0.13 -17.54
CA GLN B 36 15.34 1.59 -17.48
C GLN B 36 16.18 2.01 -16.26
N SER B 37 17.12 2.90 -16.49
CA SER B 37 17.95 3.42 -15.40
C SER B 37 17.11 4.15 -14.36
N THR B 38 17.45 3.92 -13.09
CA THR B 38 16.77 4.57 -11.98
C THR B 38 17.55 5.79 -11.50
N SER B 39 18.64 6.12 -12.21
CA SER B 39 19.57 7.15 -11.74
C SER B 39 18.96 8.54 -11.76
N SER B 40 17.90 8.68 -12.54
CA SER B 40 17.18 9.94 -12.66
C SER B 40 16.04 10.07 -11.64
N THR B 41 16.00 9.16 -10.67
CA THR B 41 14.99 9.19 -9.63
C THR B 41 15.59 9.40 -8.24
N PRO B 42 14.76 9.81 -7.28
CA PRO B 42 15.22 9.85 -5.88
C PRO B 42 15.08 8.49 -5.21
N CYS B 43 14.83 7.45 -6.01
CA CYS B 43 14.54 6.12 -5.50
C CYS B 43 15.80 5.31 -5.24
N PRO B 44 15.87 4.63 -4.09
CA PRO B 44 16.83 3.52 -4.03
C PRO B 44 16.53 2.56 -5.19
N TYR B 45 17.54 2.01 -5.84
CA TYR B 45 17.29 1.27 -7.08
C TYR B 45 16.47 0.02 -6.81
N TRP B 46 16.45 -0.44 -5.56
CA TRP B 46 15.72 -1.64 -5.17
C TRP B 46 14.29 -1.37 -4.70
N ASP B 47 13.91 -0.11 -4.66
CA ASP B 47 12.66 0.31 -4.07
C ASP B 47 11.48 0.31 -5.04
N THR B 48 10.76 -0.80 -5.06
CA THR B 48 9.59 -1.00 -5.92
C THR B 48 8.55 0.12 -5.84
N GLY B 49 8.09 0.40 -4.63
CA GLY B 49 7.08 1.41 -4.40
C GLY B 49 7.46 2.77 -4.97
N CYS B 50 8.68 3.20 -4.69
CA CYS B 50 9.15 4.47 -5.19
C CYS B 50 9.19 4.46 -6.72
N LEU B 51 9.63 3.35 -7.29
CA LEU B 51 9.75 3.27 -8.75
C LEU B 51 8.39 3.13 -9.41
N CYS B 52 7.36 2.88 -8.61
CA CYS B 52 5.99 2.85 -9.13
C CYS B 52 5.33 4.24 -9.24
N VAL B 53 5.89 5.25 -8.59
CA VAL B 53 5.23 6.56 -8.49
C VAL B 53 6.04 7.73 -9.06
N ILE B 54 7.29 7.50 -9.45
CA ILE B 54 8.10 8.61 -10.00
C ILE B 54 7.87 8.70 -11.50
N PRO B 55 7.21 9.76 -11.97
CA PRO B 55 6.76 9.73 -13.37
C PRO B 55 7.86 9.72 -14.43
N ASN B 56 9.05 10.28 -14.19
CA ASN B 56 10.07 10.19 -15.24
C ASN B 56 10.53 8.74 -15.43
N PHE B 57 10.46 7.93 -14.37
CA PHE B 57 10.79 6.51 -14.50
C PHE B 57 9.65 5.67 -15.06
N THR B 58 8.48 5.78 -14.44
CA THR B 58 7.33 5.00 -14.90
C THR B 58 6.97 5.40 -16.32
N GLY B 59 7.16 6.67 -16.61
CA GLY B 59 6.80 7.22 -17.91
C GLY B 59 7.69 6.68 -19.00
N ALA B 60 8.97 6.56 -18.68
CA ALA B 60 9.95 6.01 -19.60
C ALA B 60 9.67 4.54 -19.86
N VAL B 61 9.38 3.78 -18.79
CA VAL B 61 9.08 2.36 -18.94
C VAL B 61 7.84 2.16 -19.82
N GLY B 62 6.80 2.95 -19.60
CA GLY B 62 5.58 2.86 -20.39
C GLY B 62 5.75 3.19 -21.86
N ASN B 63 6.47 4.27 -22.17
CA ASN B 63 6.76 4.63 -23.55
C ASN B 63 7.46 3.51 -24.27
N CYS B 64 8.39 2.87 -23.56
CA CYS B 64 9.13 1.75 -24.15
C CYS B 64 8.20 0.56 -24.43
N VAL B 65 7.33 0.24 -23.48
CA VAL B 65 6.39 -0.88 -23.67
C VAL B 65 5.46 -0.58 -24.85
N ALA B 66 4.99 0.66 -24.95
CA ALA B 66 4.14 1.06 -26.07
C ALA B 66 4.86 0.89 -27.42
N SER B 67 6.18 0.97 -27.42
CA SER B 67 6.93 0.80 -28.64
C SER B 67 7.26 -0.66 -28.93
N LYS B 68 7.61 -1.43 -27.91
CA LYS B 68 8.12 -2.79 -28.11
C LYS B 68 7.06 -3.89 -28.02
N CYS B 69 5.91 -3.61 -27.46
CA CYS B 69 4.89 -4.62 -27.31
C CYS B 69 3.61 -4.26 -28.02
N ARG B 70 2.88 -5.28 -28.45
CA ARG B 70 1.62 -5.11 -29.11
C ARG B 70 0.52 -5.99 -28.54
N GLY B 71 -0.72 -5.56 -28.66
CA GLY B 71 -1.86 -6.38 -28.30
C GLY B 71 -1.89 -6.83 -26.86
N ALA B 72 -2.19 -8.10 -26.67
CA ALA B 72 -2.35 -8.67 -25.35
C ALA B 72 -1.08 -8.58 -24.52
N ASP B 73 0.09 -8.51 -25.16
CA ASP B 73 1.34 -8.34 -24.40
C ASP B 73 1.32 -7.04 -23.60
N VAL B 74 0.78 -5.98 -24.20
CA VAL B 74 0.68 -4.68 -23.53
C VAL B 74 -0.25 -4.75 -22.32
N THR B 75 -1.44 -5.29 -22.51
CA THR B 75 -2.43 -5.41 -21.43
C THR B 75 -1.89 -6.25 -20.28
N ASN B 76 -1.28 -7.38 -20.61
CA ASN B 76 -0.68 -8.25 -19.61
C ASN B 76 0.47 -7.56 -18.89
N PHE B 77 1.31 -6.83 -19.62
CA PHE B 77 2.37 -6.10 -18.95
C PHE B 77 1.80 -5.15 -17.90
N ARG B 78 0.79 -4.40 -18.30
CA ARG B 78 0.25 -3.37 -17.42
C ARG B 78 -0.38 -3.95 -16.16
N LYS B 79 -1.06 -5.08 -16.32
CA LYS B 79 -1.69 -5.77 -15.20
C LYS B 79 -0.64 -6.23 -14.20
N LEU B 80 0.49 -6.70 -14.74
CA LEU B 80 1.58 -7.13 -13.91
C LEU B 80 2.23 -5.94 -13.19
N ALA B 81 2.39 -4.83 -13.90
CA ALA B 81 2.94 -3.62 -13.30
C ALA B 81 2.07 -3.15 -12.13
N VAL B 82 0.77 -3.08 -12.40
CA VAL B 82 -0.20 -2.65 -11.41
C VAL B 82 -0.20 -3.57 -10.21
N GLY B 83 -0.20 -4.87 -10.47
CA GLY B 83 -0.20 -5.84 -9.39
C GLY B 83 1.00 -5.72 -8.48
N ALA B 84 2.18 -5.56 -9.06
CA ALA B 84 3.40 -5.44 -8.27
C ALA B 84 3.40 -4.16 -7.46
N CYS B 85 2.97 -3.07 -8.08
CA CYS B 85 2.99 -1.80 -7.40
C CYS B 85 1.97 -1.78 -6.28
N ALA B 86 0.81 -2.38 -6.54
CA ALA B 86 -0.21 -2.47 -5.52
C ALA B 86 0.30 -3.31 -4.34
N ALA B 87 0.97 -4.41 -4.64
CA ALA B 87 1.46 -5.27 -3.56
C ALA B 87 2.55 -4.57 -2.75
N ALA B 88 3.24 -3.63 -3.37
CA ALA B 88 4.28 -2.90 -2.67
C ALA B 88 3.70 -1.85 -1.72
N GLY B 89 2.41 -1.55 -1.88
CA GLY B 89 1.70 -0.65 -0.98
C GLY B 89 1.38 0.72 -1.57
N VAL B 90 1.54 0.86 -2.89
CA VAL B 90 1.25 2.13 -3.55
C VAL B 90 -0.26 2.37 -3.58
N TRP B 91 -0.64 3.64 -3.56
CA TRP B 91 -2.05 4.02 -3.69
C TRP B 91 -2.55 3.88 -5.14
N ASP B 92 -3.86 3.78 -5.30
CA ASP B 92 -4.54 3.80 -6.59
C ASP B 92 -4.08 4.97 -7.46
N PRO B 93 -3.73 4.74 -8.72
CA PRO B 93 -3.82 3.57 -9.61
C PRO B 93 -2.60 2.63 -9.62
N TYR B 94 -1.73 2.72 -8.61
CA TYR B 94 -0.70 1.73 -8.29
C TYR B 94 0.53 1.85 -9.18
N TRP B 95 0.38 1.58 -10.48
CA TRP B 95 1.46 1.89 -11.42
C TRP B 95 1.12 3.21 -12.05
N ILE B 96 1.76 4.26 -11.56
CA ILE B 96 1.32 5.63 -11.85
C ILE B 96 2.11 6.23 -13.01
N ILE B 97 1.45 6.35 -14.16
CA ILE B 97 2.08 6.86 -15.38
C ILE B 97 1.36 8.10 -15.90
N PRO B 98 2.06 8.95 -16.66
CA PRO B 98 1.40 10.10 -17.28
C PRO B 98 0.28 9.70 -18.24
N ALA B 99 -0.70 10.59 -18.39
CA ALA B 99 -1.85 10.31 -19.22
C ALA B 99 -1.46 10.04 -20.68
N SER B 100 -0.45 10.76 -21.18
CA SER B 100 -0.02 10.59 -22.56
C SER B 100 0.52 9.18 -22.79
N VAL B 101 1.24 8.70 -21.78
CA VAL B 101 1.86 7.39 -21.83
C VAL B 101 0.77 6.34 -21.76
N SER B 102 -0.21 6.59 -20.91
CA SER B 102 -1.36 5.73 -20.83
C SER B 102 -2.03 5.57 -22.20
N SER B 103 -2.19 6.68 -22.89
CA SER B 103 -2.84 6.69 -24.20
C SER B 103 -2.06 5.89 -25.25
N ALA B 104 -0.74 6.02 -25.24
CA ALA B 104 0.10 5.26 -26.16
C ALA B 104 -0.03 3.76 -25.91
N LEU B 105 -0.09 3.39 -24.64
CA LEU B 105 -0.23 1.98 -24.27
C LEU B 105 -1.61 1.48 -24.69
N ASP B 106 -2.64 2.32 -24.53
CA ASP B 106 -3.96 1.98 -25.00
C ASP B 106 -3.91 1.60 -26.49
N ALA B 107 -3.28 2.45 -27.28
CA ALA B 107 -3.17 2.24 -28.70
C ALA B 107 -2.37 0.99 -29.04
N ALA B 108 -1.22 0.80 -28.39
CA ALA B 108 -0.38 -0.35 -28.68
C ALA B 108 -1.13 -1.65 -28.41
N ALA B 109 -2.06 -1.58 -27.46
CA ALA B 109 -2.84 -2.73 -27.02
C ALA B 109 -3.90 -3.12 -28.04
N THR B 110 -4.26 -2.22 -28.96
CA THR B 110 -5.32 -2.53 -29.93
C THR B 110 -4.81 -3.14 -31.22
N ALA B 111 -3.50 -3.06 -31.45
CA ALA B 111 -2.86 -3.63 -32.64
C ALA B 111 -3.24 -5.09 -32.85
N ASN C 1 3.29 23.44 -13.61
CA ASN C 1 3.22 23.97 -12.25
C ASN C 1 4.31 23.34 -11.36
N PRO C 2 4.64 23.99 -10.25
CA PRO C 2 5.80 23.50 -9.48
C PRO C 2 5.57 22.15 -8.80
N TYR C 3 4.34 21.62 -8.82
CA TYR C 3 4.04 20.42 -8.05
C TYR C 3 4.13 19.13 -8.88
N THR C 4 4.50 19.24 -10.16
CA THR C 4 4.58 18.04 -11.01
C THR C 4 5.86 17.22 -10.82
N ILE C 5 6.78 17.70 -10.00
CA ILE C 5 7.95 16.91 -9.63
C ILE C 5 7.64 15.87 -8.55
N TYR C 6 6.41 15.87 -8.05
CA TYR C 6 6.04 14.95 -6.97
C TYR C 6 5.24 13.75 -7.40
N PRO C 7 5.22 12.69 -6.56
CA PRO C 7 4.38 11.53 -6.87
C PRO C 7 2.92 11.95 -7.08
N PRO C 8 2.35 11.62 -8.26
CA PRO C 8 0.96 12.03 -8.50
C PRO C 8 0.02 11.31 -7.59
N VAL C 9 -1.06 11.98 -7.19
CA VAL C 9 -2.08 11.40 -6.32
C VAL C 9 -3.41 11.61 -6.98
N PRO C 10 -4.40 10.75 -6.67
CA PRO C 10 -5.78 10.95 -7.17
C PRO C 10 -6.32 12.31 -6.77
N LYS C 11 -6.98 13.00 -7.70
CA LYS C 11 -7.53 14.32 -7.43
C LYS C 11 -8.97 14.23 -6.96
N THR C 12 -9.25 13.14 -6.28
CA THR C 12 -10.48 12.95 -5.52
C THR C 12 -10.10 12.23 -4.26
N ALA C 13 -10.96 12.32 -3.26
CA ALA C 13 -10.72 11.66 -2.00
C ALA C 13 -12.05 11.40 -1.37
N SER C 14 -12.12 10.35 -0.55
CA SER C 14 -13.33 10.05 0.18
C SER C 14 -13.47 10.99 1.37
N ILE C 15 -12.36 11.14 2.09
CA ILE C 15 -12.29 12.03 3.24
C ILE C 15 -11.39 13.20 2.87
N ASN C 16 -10.09 12.95 2.79
CA ASN C 16 -9.14 13.91 2.24
C ASN C 16 -7.87 13.16 1.88
N GLY C 17 -6.93 13.83 1.21
CA GLY C 17 -5.78 13.16 0.64
C GLY C 17 -4.84 12.55 1.67
N PHE C 18 -4.90 13.07 2.89
CA PHE C 18 -4.10 12.54 3.99
C PHE C 18 -4.81 11.33 4.61
N ALA C 19 -6.04 11.55 5.04
CA ALA C 19 -6.82 10.49 5.68
C ALA C 19 -6.89 9.24 4.79
N ASP C 20 -7.13 9.46 3.50
CA ASP C 20 -7.35 8.35 2.58
C ASP C 20 -6.18 7.36 2.53
N ARG C 21 -4.95 7.82 2.73
CA ARG C 21 -3.80 6.91 2.65
C ARG C 21 -3.72 5.99 3.84
N ILE C 22 -4.29 6.40 4.98
CA ILE C 22 -4.01 5.69 6.21
C ILE C 22 -5.27 5.27 6.99
N TYR C 23 -6.45 5.60 6.48
CA TYR C 23 -7.67 5.50 7.28
C TYR C 23 -7.91 4.08 7.78
N ASP C 24 -7.60 3.10 6.96
CA ASP C 24 -7.89 1.71 7.29
C ASP C 24 -6.84 1.06 8.17
N GLN C 25 -5.72 1.76 8.36
CA GLN C 25 -4.60 1.20 9.08
C GLN C 25 -4.47 1.81 10.46
N ILE C 26 -5.01 3.02 10.63
CA ILE C 26 -4.83 3.72 11.89
C ILE C 26 -5.68 3.13 12.99
N PRO C 27 -5.25 3.33 14.24
CA PRO C 27 -6.10 2.89 15.35
C PRO C 27 -7.43 3.63 15.31
N LYS C 28 -8.47 2.97 15.79
CA LYS C 28 -9.83 3.49 15.70
C LYS C 28 -9.95 4.83 16.42
N CYS C 29 -9.15 5.03 17.46
CA CYS C 29 -9.20 6.25 18.25
C CYS C 29 -8.81 7.45 17.41
N ALA C 30 -8.09 7.22 16.32
CA ALA C 30 -7.61 8.32 15.48
C ALA C 30 -8.47 8.59 14.26
N GLN C 31 -9.47 7.74 14.01
CA GLN C 31 -10.27 7.88 12.79
C GLN C 31 -10.95 9.23 12.73
N GLU C 32 -11.52 9.66 13.84
CA GLU C 32 -12.21 10.94 13.88
C GLU C 32 -11.22 12.08 13.66
N CYS C 33 -9.98 11.87 14.08
CA CYS C 33 -8.98 12.92 14.01
C CYS C 33 -8.57 13.24 12.58
N VAL C 34 -8.53 12.23 11.72
CA VAL C 34 -8.06 12.49 10.37
C VAL C 34 -9.20 13.04 9.49
N LYS C 35 -10.41 13.05 10.02
CA LYS C 35 -11.55 13.60 9.29
C LYS C 35 -11.67 15.11 9.52
N GLN C 36 -10.63 15.66 10.14
CA GLN C 36 -10.49 17.09 10.33
C GLN C 36 -10.76 17.86 9.05
N SER C 37 -11.49 18.97 9.16
CA SER C 37 -11.72 19.86 8.03
C SER C 37 -10.39 20.38 7.47
N THR C 38 -10.31 20.48 6.14
CA THR C 38 -9.14 21.06 5.47
C THR C 38 -9.40 22.54 5.13
N SER C 39 -10.49 23.09 5.67
CA SER C 39 -10.95 24.41 5.27
C SER C 39 -10.01 25.54 5.70
N SER C 40 -9.18 25.29 6.69
CA SER C 40 -8.24 26.30 7.16
C SER C 40 -6.89 26.19 6.45
N THR C 41 -6.85 25.41 5.37
CA THR C 41 -5.64 25.24 4.57
C THR C 41 -5.81 25.74 3.15
N PRO C 42 -4.69 26.04 2.46
CA PRO C 42 -4.65 26.35 1.02
C PRO C 42 -4.51 25.08 0.17
N CYS C 43 -4.70 23.92 0.78
CA CYS C 43 -4.50 22.64 0.09
C CYS C 43 -5.75 22.22 -0.66
N PRO C 44 -5.60 21.77 -1.91
CA PRO C 44 -6.71 20.97 -2.47
C PRO C 44 -7.01 19.81 -1.54
N TYR C 45 -8.27 19.44 -1.37
CA TYR C 45 -8.60 18.52 -0.28
C TYR C 45 -8.00 17.15 -0.50
N TRP C 46 -7.62 16.86 -1.74
CA TRP C 46 -7.05 15.57 -2.13
C TRP C 46 -5.52 15.50 -2.04
N ASP C 47 -4.91 16.64 -1.69
CA ASP C 47 -3.47 16.80 -1.79
C ASP C 47 -2.73 16.34 -0.53
N THR C 48 -2.31 15.08 -0.58
CA THR C 48 -1.63 14.43 0.52
C THR C 48 -0.44 15.23 1.04
N GLY C 49 0.49 15.53 0.16
CA GLY C 49 1.69 16.27 0.50
C GLY C 49 1.42 17.60 1.18
N CYS C 50 0.50 18.38 0.64
CA CYS C 50 0.17 19.67 1.22
C CYS C 50 -0.39 19.49 2.62
N LEU C 51 -1.22 18.47 2.79
CA LEU C 51 -1.84 18.22 4.08
C LEU C 51 -0.87 17.64 5.09
N CYS C 52 0.30 17.20 4.61
CA CYS C 52 1.38 16.77 5.48
C CYS C 52 2.23 17.94 6.02
N VAL C 53 2.13 19.11 5.42
CA VAL C 53 3.04 20.21 5.78
C VAL C 53 2.38 21.51 6.25
N ILE C 54 1.06 21.63 6.15
CA ILE C 54 0.39 22.84 6.65
C ILE C 54 0.08 22.67 8.14
N PRO C 55 0.80 23.41 9.00
CA PRO C 55 0.79 23.08 10.43
C PRO C 55 -0.54 23.26 11.17
N ASN C 56 -1.42 24.15 10.73
CA ASN C 56 -2.71 24.27 11.40
C ASN C 56 -3.56 23.03 11.15
N PHE C 57 -3.37 22.36 10.02
CA PHE C 57 -4.05 21.08 9.77
C PHE C 57 -3.34 19.94 10.49
N THR C 58 -2.03 19.79 10.27
CA THR C 58 -1.31 18.69 10.90
C THR C 58 -1.40 18.85 12.41
N GLY C 59 -1.41 20.10 12.87
CA GLY C 59 -1.46 20.37 14.29
C GLY C 59 -2.81 20.00 14.90
N ALA C 60 -3.88 20.27 14.16
CA ALA C 60 -5.22 19.91 14.61
C ALA C 60 -5.35 18.39 14.64
N VAL C 61 -4.87 17.73 13.60
CA VAL C 61 -4.91 16.28 13.56
C VAL C 61 -4.11 15.71 14.74
N GLY C 62 -2.91 16.21 14.96
CA GLY C 62 -2.05 15.72 16.03
C GLY C 62 -2.63 15.96 17.42
N ASN C 63 -3.17 17.16 17.64
CA ASN C 63 -3.80 17.48 18.91
C ASN C 63 -4.94 16.54 19.23
N CYS C 64 -5.75 16.23 18.22
CA CYS C 64 -6.86 15.31 18.40
C CYS C 64 -6.36 13.90 18.74
N VAL C 65 -5.33 13.44 18.06
CA VAL C 65 -4.75 12.12 18.34
C VAL C 65 -4.18 12.10 19.75
N ALA C 66 -3.48 13.17 20.11
CA ALA C 66 -2.90 13.32 21.43
C ALA C 66 -3.99 13.32 22.51
N SER C 67 -5.19 13.71 22.09
CA SER C 67 -6.34 13.78 22.97
C SER C 67 -7.12 12.47 23.09
N LYS C 68 -7.26 11.78 21.95
CA LYS C 68 -8.10 10.59 21.87
C LYS C 68 -7.34 9.27 21.98
N CYS C 69 -6.03 9.29 21.74
CA CYS C 69 -5.23 8.07 21.70
C CYS C 69 -4.18 8.03 22.79
N ARG C 70 -3.88 6.83 23.29
CA ARG C 70 -2.84 6.65 24.29
C ARG C 70 -1.93 5.51 23.89
N GLY C 71 -0.71 5.53 24.42
CA GLY C 71 0.21 4.41 24.27
C GLY C 71 0.56 4.07 22.84
N ALA C 72 0.56 2.78 22.53
CA ALA C 72 0.99 2.30 21.23
C ALA C 72 0.15 2.88 20.09
N ASP C 73 -1.10 3.24 20.38
CA ASP C 73 -1.96 3.84 19.37
C ASP C 73 -1.37 5.14 18.85
N VAL C 74 -0.83 5.94 19.75
CA VAL C 74 -0.23 7.21 19.36
C VAL C 74 0.97 6.93 18.46
N THR C 75 1.83 6.03 18.95
CA THR C 75 3.04 5.67 18.24
C THR C 75 2.71 5.11 16.88
N ASN C 76 1.72 4.22 16.83
CA ASN C 76 1.34 3.60 15.56
C ASN C 76 0.71 4.60 14.60
N PHE C 77 -0.12 5.50 15.10
CA PHE C 77 -0.68 6.54 14.24
C PHE C 77 0.43 7.37 13.62
N ARG C 78 1.40 7.76 14.44
CA ARG C 78 2.44 8.64 13.97
C ARG C 78 3.32 7.95 12.92
N LYS C 79 3.57 6.65 13.09
CA LYS C 79 4.33 5.92 12.07
C LYS C 79 3.58 5.96 10.73
N LEU C 80 2.27 5.80 10.77
CA LEU C 80 1.49 5.80 9.53
C LEU C 80 1.48 7.19 8.89
N ALA C 81 1.33 8.24 9.69
CA ALA C 81 1.35 9.61 9.16
C ALA C 81 2.71 9.91 8.52
N VAL C 82 3.78 9.59 9.22
CA VAL C 82 5.12 9.85 8.70
C VAL C 82 5.35 9.03 7.43
N GLY C 83 4.99 7.76 7.46
CA GLY C 83 5.21 6.91 6.29
C GLY C 83 4.43 7.36 5.04
N ALA C 84 3.17 7.71 5.23
CA ALA C 84 2.34 8.15 4.09
C ALA C 84 2.89 9.46 3.52
N CYS C 85 3.28 10.37 4.38
CA CYS C 85 3.80 11.66 3.91
C CYS C 85 5.16 11.49 3.21
N ALA C 86 6.04 10.63 3.72
CA ALA C 86 7.31 10.40 3.04
C ALA C 86 7.10 9.84 1.64
N ALA C 87 6.17 8.88 1.50
CA ALA C 87 5.93 8.26 0.22
C ALA C 87 5.30 9.24 -0.80
N ALA C 88 4.62 10.26 -0.29
CA ALA C 88 4.00 11.30 -1.12
C ALA C 88 5.06 12.29 -1.62
N GLY C 89 6.26 12.19 -1.05
CA GLY C 89 7.38 12.96 -1.53
C GLY C 89 7.73 14.14 -0.67
N VAL C 90 7.15 14.20 0.53
CA VAL C 90 7.44 15.30 1.44
C VAL C 90 8.86 15.18 2.01
N TRP C 91 9.47 16.32 2.31
CA TRP C 91 10.78 16.34 2.95
C TRP C 91 10.73 15.98 4.44
N ASP C 92 11.87 15.47 4.93
CA ASP C 92 12.09 15.18 6.34
C ASP C 92 11.73 16.41 7.17
N PRO C 93 10.93 16.26 8.25
CA PRO C 93 10.41 15.08 8.96
C PRO C 93 9.08 14.52 8.46
N TYR C 94 8.70 14.88 7.23
CA TYR C 94 7.61 14.21 6.51
C TYR C 94 6.22 14.60 6.99
N TRP C 95 5.87 14.23 8.22
CA TRP C 95 4.64 14.73 8.83
C TRP C 95 5.06 15.85 9.77
N ILE C 96 4.89 17.07 9.28
CA ILE C 96 5.48 18.25 9.87
C ILE C 96 4.45 18.94 10.75
N ILE C 97 4.67 18.82 12.05
CA ILE C 97 3.74 19.36 13.02
C ILE C 97 4.44 20.43 13.84
N PRO C 98 3.64 21.31 14.47
CA PRO C 98 4.19 22.30 15.39
C PRO C 98 4.93 21.60 16.52
N ALA C 99 5.91 22.27 17.10
CA ALA C 99 6.70 21.70 18.18
C ALA C 99 5.83 21.33 19.40
N SER C 100 4.84 22.16 19.73
CA SER C 100 3.99 21.89 20.88
C SER C 100 3.22 20.59 20.71
N VAL C 101 2.80 20.31 19.49
CA VAL C 101 2.02 19.13 19.20
C VAL C 101 2.87 17.86 19.30
N SER C 102 4.09 17.92 18.81
CA SER C 102 4.98 16.77 18.94
C SER C 102 5.14 16.41 20.41
N SER C 103 5.31 17.42 21.27
CA SER C 103 5.47 17.20 22.70
C SER C 103 4.21 16.57 23.31
N ALA C 104 3.05 17.06 22.90
CA ALA C 104 1.77 16.53 23.35
C ALA C 104 1.61 15.08 22.94
N LEU C 105 2.03 14.75 21.71
CA LEU C 105 1.97 13.38 21.25
C LEU C 105 2.99 12.53 22.04
N ASP C 106 4.18 13.09 22.28
CA ASP C 106 5.19 12.40 23.08
C ASP C 106 4.61 11.99 24.44
N ALA C 107 3.95 12.93 25.11
CA ALA C 107 3.39 12.65 26.44
C ALA C 107 2.31 11.58 26.38
N ALA C 108 1.41 11.71 25.41
CA ALA C 108 0.29 10.78 25.23
C ALA C 108 0.75 9.35 24.95
N ALA C 109 1.94 9.20 24.38
CA ALA C 109 2.44 7.87 24.01
C ALA C 109 2.90 7.09 25.25
N THR C 110 3.31 7.80 26.30
CA THR C 110 3.73 7.16 27.55
C THR C 110 2.62 7.22 28.59
FE HEB D . -6.64 -11.39 -9.40
CHA HEB D . -9.01 -12.43 -11.66
CHB HEB D . -5.60 -14.66 -9.08
CHC HEB D . -3.73 -10.36 -7.87
CHD HEB D . -7.27 -8.12 -10.14
NA HEB D . -7.19 -13.22 -10.25
C1A HEB D . -8.23 -13.42 -11.12
C2A HEB D . -8.36 -14.84 -11.36
C3A HEB D . -7.41 -15.45 -10.65
C4A HEB D . -6.66 -14.45 -9.94
CMA HEB D . -7.13 -16.97 -10.57
CAA HEB D . -9.41 -15.48 -12.30
CBA HEB D . -8.73 -15.88 -13.60
CGA HEB D . -9.67 -16.64 -14.51
O1A HEB D . -9.20 -17.50 -15.29
O2A HEB D . -10.89 -16.38 -14.46
NB HEB D . -5.00 -12.31 -8.70
C1B HEB D . -4.79 -13.68 -8.56
C2B HEB D . -3.59 -13.87 -7.77
C3B HEB D . -3.12 -12.66 -7.45
C4B HEB D . -3.98 -11.69 -8.01
CMB HEB D . -2.99 -15.22 -7.35
CAB HEB D . -1.87 -12.24 -6.63
CBB HEB D . -0.84 -13.06 -6.43
NC HEB D . -5.65 -9.60 -9.10
C1C HEB D . -4.52 -9.38 -8.35
C2C HEB D . -4.30 -7.95 -8.17
C3C HEB D . -5.32 -7.34 -8.80
C4C HEB D . -6.16 -8.37 -9.40
CMC HEB D . -3.13 -7.36 -7.36
CAC HEB D . -5.62 -5.84 -8.96
CBC HEB D . -4.74 -4.91 -8.62
ND HEB D . -7.90 -10.43 -10.74
C1D HEB D . -8.04 -9.05 -10.79
C2D HEB D . -9.19 -8.73 -11.61
C3D HEB D . -9.73 -10.08 -12.09
C4D HEB D . -8.87 -11.07 -11.50
CMD HEB D . -9.72 -7.33 -11.94
CAD HEB D . -10.97 -10.32 -12.97
CBD HEB D . -10.64 -10.35 -14.46
CGD HEB D . -11.94 -10.26 -15.21
O1D HEB D . -13.03 -10.32 -14.57
O2D HEB D . -11.88 -10.14 -16.46
HHA HEB D . -9.75 -12.72 -12.24
HHB HEB D . -5.52 -15.55 -8.68
HHC HEB D . -2.83 -10.10 -7.58
HHD HEB D . -7.54 -7.19 -10.24
HMA1 HEB D . -7.93 -17.44 -10.23
HMA2 HEB D . -6.38 -17.13 -9.97
HMA3 HEB D . -6.91 -17.32 -11.46
HAA1 HEB D . -10.12 -14.84 -12.50
HAA2 HEB D . -9.79 -16.26 -11.87
HBA1 HEB D . -7.96 -16.44 -13.40
HBA2 HEB D . -8.41 -15.09 -14.06
HMB1 HEB D . -3.64 -15.72 -6.82
HMB2 HEB D . -2.19 -15.08 -6.83
HMB3 HEB D . -2.77 -15.74 -8.14
HAB HEB D . -1.84 -11.36 -6.25
HBB1 HEB D . -0.08 -12.75 -5.91
HBB2 HEB D . -0.85 -13.95 -6.81
HMC1 HEB D . -3.18 -6.39 -7.36
HMC2 HEB D . -2.29 -7.64 -7.75
HMC3 HEB D . -3.18 -7.67 -6.44
HAC HEB D . -6.48 -5.57 -9.31
HBC1 HEB D . -4.96 -3.97 -8.73
HBC2 HEB D . -3.87 -5.17 -8.27
HMD1 HEB D . -9.04 -6.81 -12.40
HMD2 HEB D . -9.97 -6.87 -11.10
HMD3 HEB D . -10.51 -7.40 -12.51
HAD1 HEB D . -11.61 -9.62 -12.80
HAD2 HEB D . -11.36 -11.18 -12.72
HBD1 HEB D . -10.18 -11.17 -14.68
HBD2 HEB D . -10.08 -9.58 -14.68
CL CL E . -0.61 -9.89 -10.36
FE HEB F . 10.72 4.18 -0.55
CHA HEB F . 12.97 2.82 1.67
CHB HEB F . 8.55 1.59 0.14
CHC HEB F . 8.13 5.87 -2.08
CHD HEB F . 12.63 6.99 -0.77
NA HEB F . 10.74 2.59 0.67
C1A HEB F . 11.81 2.15 1.43
C2A HEB F . 11.52 0.85 1.95
C3A HEB F . 10.30 0.50 1.53
C4A HEB F . 9.79 1.58 0.73
CMA HEB F . 9.57 -0.83 1.88
CAA HEB F . 12.46 0.01 2.84
CBA HEB F . 12.28 0.30 4.33
CGA HEB F . 13.02 -0.77 5.10
O1A HEB F . 14.24 -0.61 5.29
O2A HEB F . 12.42 -1.80 5.47
NB HEB F . 8.71 3.81 -0.86
C1B HEB F . 8.02 2.64 -0.56
C2B HEB F . 6.68 2.72 -1.11
C3B HEB F . 6.60 3.91 -1.75
C4B HEB F . 7.86 4.60 -1.59
CMB HEB F . 5.61 1.60 -1.01
CAB HEB F . 5.42 4.54 -2.49
CBB HEB F . 4.17 4.21 -2.20
NC HEB F . 10.40 6.06 -1.24
C1C HEB F . 9.30 6.56 -1.91
C2C HEB F . 9.59 7.90 -2.39
C3C HEB F . 10.85 8.16 -2.02
C4C HEB F . 11.36 7.04 -1.29
CMC HEB F . 8.62 8.77 -3.21
CAC HEB F . 11.73 9.42 -2.24
CBC HEB F . 11.23 10.54 -2.75
ND HEB F . 12.50 4.81 0.33
C1D HEB F . 13.12 6.01 0.03
C2D HEB F . 14.39 6.08 0.73
C3D HEB F . 14.48 4.77 1.49
C4D HEB F . 13.26 4.06 1.19
CMD HEB F . 15.40 7.24 0.69
CAD HEB F . 15.61 4.28 2.40
CBD HEB F . 15.34 4.88 3.77
CGD HEB F . 16.46 4.50 4.71
O1D HEB F . 16.84 5.36 5.55
O2D HEB F . 16.97 3.35 4.58
HHA HEB F . 13.72 2.29 2.03
HHB HEB F . 8.08 0.74 0.07
HHC HEB F . 7.37 6.37 -2.47
HHD HEB F . 13.22 7.74 -0.98
HMA1 HEB F . 8.69 -0.83 1.45
HMA2 HEB F . 9.46 -0.90 2.85
HMA3 HEB F . 10.10 -1.58 1.55
HAA1 HEB F . 13.38 0.20 2.60
HAA2 HEB F . 12.29 -0.94 2.68
HBA1 HEB F . 11.33 0.27 4.57
HBA2 HEB F . 12.64 1.17 4.55
HMB1 HEB F . 5.94 0.79 -1.43
HMB2 HEB F . 4.80 1.88 -1.46
HMB3 HEB F . 5.42 1.42 -0.08
HAB HEB F . 5.59 5.18 -3.19
HBB1 HEB F . 3.43 4.61 -2.68
HBB2 HEB F . 3.99 3.55 -1.51
HMC1 HEB F . 8.40 8.32 -4.04
HMC2 HEB F . 9.05 9.63 -3.41
HMC3 HEB F . 7.82 8.93 -2.69
HAC HEB F . 12.65 9.40 -2.00
HBC1 HEB F . 10.29 10.58 -3.00
HBC2 HEB F . 11.79 11.31 -2.87
HMD1 HEB F . 15.71 7.37 -0.23
HMD2 HEB F . 16.17 7.01 1.26
HMD3 HEB F . 14.98 8.05 1.02
HAD1 HEB F . 16.46 4.59 2.05
HAD2 HEB F . 15.60 3.32 2.45
HBD1 HEB F . 14.50 4.54 4.12
HBD2 HEB F . 15.29 5.85 3.70
C1 EDO G . -3.84 -1.87 -21.74
O1 EDO G . -4.12 -1.75 -20.33
C2 EDO G . -3.06 -0.64 -22.20
O2 EDO G . -3.27 0.45 -21.31
H11 EDO G . -3.26 -2.77 -21.92
H12 EDO G . -4.78 -1.94 -22.29
HO1 EDO G . -4.61 -2.53 -20.04
H21 EDO G . -2.00 -0.88 -22.26
H22 EDO G . -3.39 -0.37 -23.21
HO2 EDO G . -2.76 1.22 -21.61
FE HEB H . 0.32 20.50 -3.67
CHA HEB H . -1.12 20.27 -6.82
CHB HEB H . 1.95 17.57 -4.18
CHC HEB H . 2.54 21.15 -0.98
CHD HEB H . -0.92 23.57 -3.26
NA HEB H . 0.42 19.22 -5.21
C1A HEB H . -0.32 19.25 -6.37
C2A HEB H . -0.12 18.02 -7.10
C3A HEB H . 0.74 17.27 -6.40
C4A HEB H . 1.09 18.00 -5.18
CMA HEB H . 1.23 15.85 -6.80
CAA HEB H . -0.77 17.70 -8.46
CBA HEB H . 0.17 18.23 -9.55
CGA HEB H . -0.44 18.25 -10.92
O1A HEB H . -0.74 19.36 -11.44
O2A HEB H . -0.62 17.17 -11.54
NB HEB H . 1.94 19.57 -2.78
C1B HEB H . 2.41 18.31 -3.12
C2B HEB H . 3.44 17.92 -2.16
C3B HEB H . 3.57 18.93 -1.30
C4B HEB H . 2.65 19.97 -1.67
CMB HEB H . 4.24 16.59 -2.13
CAB HEB H . 4.49 19.10 -0.08
CBB HEB H . 5.57 18.34 0.13
NC HEB H . 0.75 22.02 -2.37
C1C HEB H . 1.65 22.13 -1.32
C2C HEB H . 1.51 23.42 -0.67
C3C HEB H . 0.56 24.06 -1.33
C4C HEB H . 0.07 23.21 -2.39
CMC HEB H . 2.37 23.89 0.54
CAC HEB H . -0.04 25.47 -1.11
CBC HEB H . 0.14 26.14 0.02
ND HEB H . -0.79 21.71 -4.89
C1D HEB H . -1.25 22.94 -4.43
C2D HEB H . -2.23 23.46 -5.34
C3D HEB H . -2.31 22.45 -6.48
C4D HEB H . -1.37 21.40 -6.10
CMD HEB H . -3.00 24.79 -5.21
CAD HEB H . -3.20 22.50 -7.75
CBD HEB H . -2.38 22.72 -9.03
CGD HEB H . -2.00 24.18 -9.22
O1D HEB H . -1.11 24.45 -10.08
O2D HEB H . -2.55 25.07 -8.54
HHA HEB H . -1.72 20.08 -7.57
HHB HEB H . 2.26 16.64 -4.24
HHC HEB H . 3.27 21.39 -0.39
HHD HEB H . -1.45 24.35 -3.02
HMA1 HEB H . 1.84 15.51 -6.12
HMA2 HEB H . 1.68 15.90 -7.66
HMA3 HEB H . 0.45 15.25 -6.86
HAA1 HEB H . -1.63 18.14 -8.52
HAA2 HEB H . -0.89 16.75 -8.55
HBA1 HEB H . 0.96 17.66 -9.57
HBA2 HEB H . 0.44 19.13 -9.31
HMB1 HEB H . 3.62 15.85 -2.01
HMB2 HEB H . 4.86 16.61 -1.38
HMB3 HEB H . 4.73 16.48 -2.96
HAB HEB H . 4.29 19.79 0.56
HBB1 HEB H . 5.79 17.63 -0.50
HBB2 HEB H . 6.13 18.48 0.91
HMC1 HEB H . 2.09 24.78 0.81
HMC2 HEB H . 3.30 23.91 0.29
HMC3 HEB H . 2.24 23.28 1.29
HAC HEB H . -0.56 25.86 -1.81
HBC1 HEB H . -0.26 27.02 0.12
HBC2 HEB H . 0.65 25.76 0.75
HMD1 HEB H . -3.61 24.90 -5.97
HMD2 HEB H . -2.37 25.54 -5.17
HMD3 HEB H . -3.54 24.77 -4.38
HAD1 HEB H . -3.84 23.22 -7.65
HAD2 HEB H . -3.68 21.66 -7.83
HBD1 HEB H . -2.92 22.44 -9.79
HBD2 HEB H . -1.58 22.19 -9.00
#